data_3AU7
#
_entry.id   3AU7
#
_cell.length_a   94.179
_cell.length_b   94.179
_cell.length_c   182.315
_cell.angle_alpha   90.00
_cell.angle_beta   90.00
_cell.angle_gamma   120.00
#
_symmetry.space_group_name_H-M   'P 63 2 2'
#
loop_
_entity.id
_entity.type
_entity.pdbx_description
1 polymer 'Putative uncharacterized protein'
2 non-polymer AGMATINE
3 water water
#
_entity_poly.entity_id   1
_entity_poly.type   'polypeptide(L)'
_entity_poly.pdbx_seq_one_letter_code
;MGSSHHHHHHSSGLVPRGSHMRVWVGIDDTDSSRGMCTTYLAVLAMERVERELGKVIGFPRLIRLNPTIPYKTRGNGAVS
FLVEVDDVGELVDVVNEVIIEHAMLDDEKTNPGAVFVDEELAVKLKPFADKAIKDVLQIDEALFVIGKYFIPHLRHKKGR
GLIGALAAVGAELEDFTLELIAYRYPERFGTEREYDEESFFDMDYELYPQTFDNVDWCNDVVVCIPNTPCPVLYGIRGES
VEALYKAMESVKTEPVDRRMIFVTNHATDMHLIGEEEVHRLENYRSYRLRGRVTLEPYDIEGGHVFFEIDTKFGSVKCAA
FEPTKQFRNVIRLLRKGDVVEVYGSMKKDTINLEKIQIVELAEGSGSERELQPGFYEVPPSARRHLSKPLIRMNVEGRHI
FR
;
_entity_poly.pdbx_strand_id   A
#
loop_
_chem_comp.id
_chem_comp.type
_chem_comp.name
_chem_comp.formula
AG2 non-polymer AGMATINE 'C5 H14 N4'
#
# COMPACT_ATOMS: atom_id res chain seq x y z
N HIS A 20 -29.97 -7.55 14.91
CA HIS A 20 -29.46 -6.39 14.11
C HIS A 20 -28.14 -5.86 14.69
N MET A 21 -27.13 -6.74 14.75
CA MET A 21 -25.81 -6.38 15.28
C MET A 21 -24.86 -5.98 14.17
N ARG A 22 -24.02 -4.97 14.42
CA ARG A 22 -23.03 -4.51 13.44
C ARG A 22 -21.62 -4.87 13.90
N VAL A 23 -20.97 -5.76 13.17
CA VAL A 23 -19.61 -6.19 13.52
C VAL A 23 -18.59 -6.06 12.39
N TRP A 24 -17.33 -5.87 12.76
CA TRP A 24 -16.24 -5.76 11.78
C TRP A 24 -15.52 -7.07 11.69
N VAL A 25 -15.34 -7.58 10.48
CA VAL A 25 -14.59 -8.80 10.31
C VAL A 25 -13.18 -8.40 9.88
N GLY A 26 -12.18 -8.99 10.50
CA GLY A 26 -10.80 -8.71 10.15
C GLY A 26 -10.21 -10.02 9.71
N ILE A 27 -9.65 -10.07 8.51
CA ILE A 27 -9.07 -11.31 8.03
C ILE A 27 -7.62 -11.13 7.60
N ASP A 28 -6.80 -12.15 7.84
CA ASP A 28 -5.40 -12.11 7.45
C ASP A 28 -4.70 -13.42 7.79
N THR A 39 -7.12 -11.13 -0.05
CA THR A 39 -8.41 -10.46 -0.27
C THR A 39 -9.46 -11.39 -0.87
N TYR A 40 -9.01 -12.40 -1.61
CA TYR A 40 -9.93 -13.33 -2.26
C TYR A 40 -10.84 -14.00 -1.25
N LEU A 41 -10.25 -14.54 -0.20
CA LEU A 41 -11.00 -15.22 0.85
C LEU A 41 -12.02 -14.27 1.49
N ALA A 42 -11.64 -13.02 1.65
CA ALA A 42 -12.55 -12.03 2.22
C ALA A 42 -13.77 -11.88 1.31
N VAL A 43 -13.53 -11.83 0.01
CA VAL A 43 -14.62 -11.70 -0.96
C VAL A 43 -15.55 -12.90 -0.88
N LEU A 44 -14.97 -14.09 -0.80
CA LEU A 44 -15.76 -15.30 -0.70
C LEU A 44 -16.59 -15.24 0.59
N ALA A 45 -15.98 -14.77 1.66
CA ALA A 45 -16.65 -14.66 2.94
C ALA A 45 -17.80 -13.64 2.88
N MET A 46 -17.52 -12.45 2.37
CA MET A 46 -18.53 -11.42 2.25
C MET A 46 -19.75 -11.96 1.53
N GLU A 47 -19.49 -12.74 0.48
CA GLU A 47 -20.53 -13.34 -0.33
C GLU A 47 -21.50 -14.17 0.51
N ARG A 48 -20.96 -15.12 1.26
CA ARG A 48 -21.80 -15.97 2.11
C ARG A 48 -22.55 -15.15 3.14
N VAL A 49 -21.92 -14.11 3.64
CA VAL A 49 -22.56 -13.23 4.61
C VAL A 49 -23.75 -12.56 3.96
N GLU A 50 -23.50 -11.90 2.85
CA GLU A 50 -24.51 -11.18 2.09
C GLU A 50 -25.63 -12.10 1.57
N ARG A 51 -25.46 -13.41 1.74
CA ARG A 51 -26.47 -14.34 1.25
C ARG A 51 -27.05 -15.27 2.30
N GLU A 52 -26.37 -15.43 3.44
CA GLU A 52 -26.85 -16.34 4.45
C GLU A 52 -26.98 -15.79 5.86
N LEU A 53 -26.50 -14.57 6.11
CA LEU A 53 -26.59 -14.02 7.45
C LEU A 53 -26.96 -12.55 7.55
N GLY A 54 -26.74 -11.80 6.48
CA GLY A 54 -27.06 -10.39 6.51
C GLY A 54 -26.36 -9.63 5.41
N LYS A 55 -26.33 -8.31 5.50
CA LYS A 55 -25.69 -7.53 4.46
C LYS A 55 -24.31 -7.02 4.85
N VAL A 56 -23.67 -6.32 3.92
CA VAL A 56 -22.35 -5.76 4.12
C VAL A 56 -22.46 -4.24 3.98
N ILE A 57 -22.05 -3.52 5.02
CA ILE A 57 -22.14 -2.07 4.97
C ILE A 57 -20.96 -1.41 4.26
N GLY A 58 -21.29 -0.56 3.28
CA GLY A 58 -20.27 0.14 2.53
C GLY A 58 -19.31 -0.72 1.74
N PHE A 59 -18.07 -0.26 1.65
CA PHE A 59 -17.01 -0.95 0.92
C PHE A 59 -16.02 -1.69 1.81
N PRO A 60 -15.64 -2.91 1.40
CA PRO A 60 -14.68 -3.67 2.21
C PRO A 60 -13.38 -2.87 2.22
N ARG A 61 -12.49 -3.18 3.15
CA ARG A 61 -11.25 -2.44 3.23
C ARG A 61 -9.99 -3.30 3.13
N LEU A 62 -9.01 -2.75 2.42
CA LEU A 62 -7.72 -3.40 2.20
C LEU A 62 -6.67 -2.53 2.90
N ILE A 63 -6.12 -3.03 4.00
CA ILE A 63 -5.13 -2.25 4.75
C ILE A 63 -3.73 -2.86 4.72
N ARG A 64 -2.74 -2.05 4.34
CA ARG A 64 -1.36 -2.50 4.29
C ARG A 64 -0.63 -2.11 5.56
N LEU A 65 0.20 -3.02 6.08
CA LEU A 65 0.96 -2.77 7.31
C LEU A 65 2.39 -2.28 6.99
N ASN A 66 3.17 -2.03 8.03
CA ASN A 66 4.55 -1.56 7.89
C ASN A 66 5.22 -2.29 6.73
N PRO A 67 5.55 -1.56 5.66
CA PRO A 67 6.19 -2.15 4.49
C PRO A 67 7.62 -2.71 4.67
N THR A 68 8.20 -2.54 5.85
CA THR A 68 9.54 -3.03 6.10
C THR A 68 9.56 -4.42 6.74
N ILE A 69 8.44 -4.82 7.31
CA ILE A 69 8.33 -6.13 7.96
C ILE A 69 7.96 -7.22 6.97
N ASN A 76 2.09 -7.56 2.91
CA ASN A 76 1.63 -7.04 4.19
C ASN A 76 0.20 -6.51 4.09
N GLY A 77 -0.70 -7.32 3.50
CA GLY A 77 -2.09 -6.93 3.34
C GLY A 77 -3.08 -7.58 4.30
N ALA A 78 -4.19 -6.90 4.54
CA ALA A 78 -5.21 -7.41 5.45
C ALA A 78 -6.53 -6.78 5.07
N VAL A 79 -7.61 -7.56 5.12
CA VAL A 79 -8.94 -7.06 4.77
C VAL A 79 -9.89 -6.97 5.96
N SER A 80 -10.76 -5.96 5.93
CA SER A 80 -11.74 -5.79 6.99
C SER A 80 -13.02 -5.27 6.37
N PHE A 81 -14.16 -5.72 6.89
CA PHE A 81 -15.45 -5.25 6.38
C PHE A 81 -16.53 -5.21 7.45
N LEU A 82 -17.41 -4.22 7.35
CA LEU A 82 -18.48 -4.05 8.31
C LEU A 82 -19.68 -4.86 7.85
N VAL A 83 -20.28 -5.56 8.80
CA VAL A 83 -21.43 -6.39 8.51
C VAL A 83 -22.51 -6.18 9.59
N GLU A 84 -23.74 -6.55 9.26
CA GLU A 84 -24.82 -6.47 10.22
C GLU A 84 -25.60 -7.77 10.18
N VAL A 85 -25.33 -8.62 11.17
CA VAL A 85 -25.98 -9.91 11.29
C VAL A 85 -26.69 -9.95 12.63
N ASP A 86 -27.25 -11.11 12.98
CA ASP A 86 -27.96 -11.26 14.24
C ASP A 86 -27.12 -12.09 15.20
N ASP A 87 -26.63 -13.23 14.73
CA ASP A 87 -25.82 -14.13 15.55
C ASP A 87 -24.33 -14.03 15.23
N VAL A 88 -23.61 -13.23 16.01
CA VAL A 88 -22.16 -13.09 15.81
C VAL A 88 -21.53 -14.47 15.74
N GLY A 89 -22.08 -15.38 16.54
CA GLY A 89 -21.58 -16.75 16.56
C GLY A 89 -21.77 -17.44 15.22
N GLU A 90 -22.85 -17.09 14.52
CA GLU A 90 -23.15 -17.69 13.22
C GLU A 90 -22.12 -17.16 12.21
N LEU A 91 -21.95 -15.84 12.23
CA LEU A 91 -21.01 -15.15 11.35
C LEU A 91 -19.62 -15.75 11.47
N VAL A 92 -19.24 -16.12 12.67
CA VAL A 92 -17.93 -16.71 12.91
C VAL A 92 -17.86 -18.12 12.31
N ASP A 93 -18.99 -18.82 12.35
CA ASP A 93 -19.09 -20.18 11.83
C ASP A 93 -18.87 -20.21 10.32
N VAL A 94 -19.48 -19.26 9.63
CA VAL A 94 -19.33 -19.17 8.19
C VAL A 94 -17.86 -18.98 7.85
N VAL A 95 -17.38 -17.76 8.04
CA VAL A 95 -16.00 -17.42 7.76
C VAL A 95 -15.04 -18.57 8.00
N ASN A 96 -15.23 -19.29 9.11
CA ASN A 96 -14.35 -20.40 9.43
C ASN A 96 -14.41 -21.50 8.38
N GLU A 97 -15.62 -21.81 7.91
CA GLU A 97 -15.79 -22.84 6.88
C GLU A 97 -15.10 -22.40 5.61
N VAL A 98 -15.29 -21.12 5.27
CA VAL A 98 -14.68 -20.55 4.08
C VAL A 98 -13.16 -20.71 4.21
N ILE A 99 -12.63 -20.37 5.38
CA ILE A 99 -11.19 -20.49 5.63
C ILE A 99 -10.82 -21.97 5.61
N ILE A 100 -11.84 -22.82 5.53
CA ILE A 100 -11.63 -24.26 5.53
C ILE A 100 -12.09 -24.83 4.20
N GLU A 101 -11.45 -24.38 3.13
CA GLU A 101 -11.78 -24.82 1.76
C GLU A 101 -10.89 -24.11 0.74
N PRO A 112 -4.03 -18.43 9.35
CA PRO A 112 -5.10 -17.46 9.01
C PRO A 112 -5.77 -16.86 10.25
N GLY A 113 -5.69 -15.53 10.38
CA GLY A 113 -6.28 -14.87 11.51
C GLY A 113 -7.56 -14.14 11.16
N ALA A 114 -8.57 -14.30 12.01
CA ALA A 114 -9.85 -13.64 11.81
C ALA A 114 -10.32 -13.03 13.12
N VAL A 115 -10.79 -11.80 13.05
CA VAL A 115 -11.28 -11.08 14.22
C VAL A 115 -12.70 -10.55 13.97
N PHE A 116 -13.50 -10.47 15.03
CA PHE A 116 -14.87 -9.98 14.92
C PHE A 116 -15.18 -8.97 16.03
N VAL A 117 -15.01 -7.69 15.72
CA VAL A 117 -15.24 -6.63 16.70
C VAL A 117 -16.45 -5.75 16.41
N ASP A 118 -17.05 -5.22 17.46
CA ASP A 118 -18.20 -4.35 17.35
C ASP A 118 -17.73 -2.96 16.98
N GLU A 119 -18.54 -2.20 16.26
CA GLU A 119 -18.17 -0.85 15.86
C GLU A 119 -17.61 -0.09 17.05
N GLU A 120 -18.04 -0.49 18.25
CA GLU A 120 -17.59 0.14 19.48
C GLU A 120 -16.11 -0.06 19.71
N LEU A 121 -15.68 -1.31 19.80
CA LEU A 121 -14.27 -1.63 20.02
C LEU A 121 -13.44 -1.15 18.84
N ALA A 122 -14.05 -1.11 17.66
CA ALA A 122 -13.38 -0.68 16.44
C ALA A 122 -12.56 0.59 16.67
N VAL A 123 -13.17 1.56 17.36
CA VAL A 123 -12.50 2.84 17.64
C VAL A 123 -11.33 2.68 18.59
N LYS A 124 -11.37 1.65 19.43
CA LYS A 124 -10.29 1.42 20.38
C LYS A 124 -9.06 0.89 19.66
N LEU A 125 -9.26 0.00 18.70
CA LEU A 125 -8.17 -0.58 17.93
C LEU A 125 -7.42 0.46 17.09
N LYS A 126 -7.93 1.69 17.06
CA LYS A 126 -7.31 2.76 16.29
C LYS A 126 -5.79 2.85 16.48
N PRO A 127 -5.32 2.89 17.74
CA PRO A 127 -3.88 2.98 18.02
C PRO A 127 -3.10 1.71 17.65
N PHE A 128 -3.74 0.55 17.84
CA PHE A 128 -3.11 -0.71 17.51
C PHE A 128 -2.82 -0.69 16.01
N ALA A 129 -3.75 -0.16 15.24
CA ALA A 129 -3.63 -0.08 13.80
C ALA A 129 -2.46 0.82 13.41
N ASP A 130 -2.37 1.98 14.05
CA ASP A 130 -1.31 2.94 13.77
C ASP A 130 0.07 2.35 14.01
N LYS A 131 0.23 1.64 15.12
CA LYS A 131 1.52 1.05 15.43
C LYS A 131 1.84 -0.08 14.44
N ALA A 132 0.81 -0.78 13.98
CA ALA A 132 1.00 -1.88 13.05
C ALA A 132 1.37 -1.41 11.63
N ILE A 133 1.05 -0.15 11.33
CA ILE A 133 1.34 0.39 10.01
C ILE A 133 2.62 1.23 9.98
N LYS A 134 2.88 1.99 11.04
CA LYS A 134 4.05 2.87 11.07
C LYS A 134 5.18 2.42 11.98
N ASP A 135 4.98 1.33 12.70
CA ASP A 135 5.97 0.83 13.64
C ASP A 135 6.02 -0.69 13.63
N VAL A 136 6.58 -1.28 14.68
CA VAL A 136 6.67 -2.73 14.78
C VAL A 136 5.95 -3.27 16.01
N LEU A 137 5.11 -4.27 15.77
CA LEU A 137 4.34 -4.89 16.83
C LEU A 137 4.78 -6.33 17.03
N GLN A 138 4.53 -6.85 18.21
CA GLN A 138 4.85 -8.25 18.45
C GLN A 138 3.49 -8.94 18.57
N ILE A 139 3.43 -10.20 18.15
CA ILE A 139 2.18 -10.91 18.21
C ILE A 139 1.60 -10.91 19.64
N ASP A 140 2.44 -10.66 20.65
CA ASP A 140 1.97 -10.63 22.04
C ASP A 140 0.92 -9.53 22.21
N GLU A 141 1.26 -8.34 21.73
CA GLU A 141 0.39 -7.18 21.84
C GLU A 141 -0.97 -7.38 21.17
N ALA A 142 -1.01 -8.25 20.16
CA ALA A 142 -2.26 -8.55 19.48
C ALA A 142 -3.09 -9.49 20.37
N LEU A 143 -2.44 -10.54 20.87
CA LEU A 143 -3.09 -11.50 21.74
C LEU A 143 -3.63 -10.80 22.97
N PHE A 144 -2.95 -9.73 23.39
CA PHE A 144 -3.38 -8.97 24.55
C PHE A 144 -4.74 -8.33 24.28
N VAL A 145 -4.82 -7.53 23.22
CA VAL A 145 -6.08 -6.85 22.88
C VAL A 145 -7.22 -7.86 22.72
N ILE A 146 -6.95 -8.93 21.98
CA ILE A 146 -7.96 -9.94 21.78
C ILE A 146 -8.43 -10.48 23.13
N GLY A 147 -7.51 -10.61 24.07
CA GLY A 147 -7.86 -11.11 25.39
C GLY A 147 -8.54 -10.09 26.27
N LYS A 148 -8.07 -8.85 26.23
CA LYS A 148 -8.63 -7.80 27.06
C LYS A 148 -10.09 -7.48 26.77
N TYR A 149 -10.49 -7.52 25.50
CA TYR A 149 -11.87 -7.20 25.15
C TYR A 149 -12.68 -8.41 24.69
N PHE A 150 -12.14 -9.61 24.93
CA PHE A 150 -12.81 -10.85 24.56
C PHE A 150 -13.24 -10.87 23.09
N ILE A 151 -12.36 -10.43 22.23
CA ILE A 151 -12.68 -10.38 20.82
C ILE A 151 -12.74 -11.78 20.23
N PRO A 152 -13.91 -12.21 19.75
CA PRO A 152 -14.08 -13.54 19.16
C PRO A 152 -13.16 -13.60 17.93
N HIS A 153 -12.51 -14.73 17.73
CA HIS A 153 -11.55 -14.87 16.63
C HIS A 153 -11.21 -16.31 16.28
N LEU A 154 -10.53 -16.48 15.14
CA LEU A 154 -10.08 -17.79 14.66
C LEU A 154 -8.55 -17.71 14.63
N ARG A 155 -7.89 -18.41 15.55
CA ARG A 155 -6.43 -18.38 15.61
C ARG A 155 -5.81 -19.65 15.07
N HIS A 156 -4.74 -19.49 14.31
CA HIS A 156 -4.02 -20.62 13.73
C HIS A 156 -2.54 -20.56 14.09
N LYS A 157 -2.08 -21.55 14.85
CA LYS A 157 -0.67 -21.62 15.25
C LYS A 157 -0.29 -20.38 16.05
N LYS A 158 0.87 -19.81 15.74
CA LYS A 158 1.35 -18.62 16.44
C LYS A 158 0.24 -17.57 16.46
N GLY A 159 -0.36 -17.33 15.31
CA GLY A 159 -1.44 -16.37 15.21
C GLY A 159 -1.00 -15.01 14.70
N ARG A 160 0.00 -14.98 13.82
CA ARG A 160 0.47 -13.71 13.28
C ARG A 160 -0.53 -13.10 12.32
N GLY A 161 -1.58 -13.85 12.01
CA GLY A 161 -2.59 -13.34 11.12
C GLY A 161 -3.44 -12.37 11.92
N LEU A 162 -3.42 -12.54 13.24
CA LEU A 162 -4.19 -11.70 14.14
C LEU A 162 -3.77 -10.25 14.13
N ILE A 163 -2.47 -9.99 13.98
CA ILE A 163 -2.01 -8.61 13.96
C ILE A 163 -2.65 -7.88 12.79
N GLY A 164 -2.64 -8.49 11.61
CA GLY A 164 -3.26 -7.87 10.45
C GLY A 164 -4.77 -7.74 10.60
N ALA A 165 -5.42 -8.78 11.10
CA ALA A 165 -6.86 -8.78 11.28
C ALA A 165 -7.31 -7.59 12.15
N LEU A 166 -6.61 -7.38 13.27
CA LEU A 166 -6.96 -6.27 14.18
C LEU A 166 -6.62 -4.92 13.55
N ALA A 167 -5.49 -4.88 12.85
CA ALA A 167 -5.02 -3.67 12.19
C ALA A 167 -6.00 -3.23 11.09
N ALA A 168 -6.57 -4.19 10.38
CA ALA A 168 -7.49 -3.88 9.29
C ALA A 168 -8.75 -3.23 9.80
N VAL A 169 -9.20 -3.70 10.97
CA VAL A 169 -10.41 -3.20 11.60
C VAL A 169 -10.21 -1.86 12.28
N GLY A 170 -9.04 -1.69 12.91
CA GLY A 170 -8.80 -0.44 13.62
C GLY A 170 -8.22 0.71 12.82
N ALA A 171 -7.74 0.43 11.62
CA ALA A 171 -7.15 1.49 10.81
C ALA A 171 -8.10 2.66 10.54
N GLU A 172 -7.68 3.87 10.90
CA GLU A 172 -8.46 5.07 10.67
C GLU A 172 -7.86 5.75 9.43
N LEU A 173 -8.64 5.83 8.34
CA LEU A 173 -8.16 6.40 7.10
C LEU A 173 -8.45 7.89 6.83
N GLU A 174 -7.50 8.75 7.15
CA GLU A 174 -7.67 10.19 6.89
C GLU A 174 -7.78 10.38 5.37
N ASP A 175 -6.86 9.75 4.64
CA ASP A 175 -6.88 9.80 3.18
C ASP A 175 -7.01 8.35 2.74
N PHE A 176 -7.32 8.12 1.47
CA PHE A 176 -7.43 6.76 0.96
C PHE A 176 -7.57 6.78 -0.56
N THR A 177 -7.53 5.59 -1.15
CA THR A 177 -7.68 5.46 -2.59
C THR A 177 -8.47 4.18 -2.79
N LEU A 178 -9.05 4.02 -3.97
CA LEU A 178 -9.85 2.84 -4.23
C LEU A 178 -9.14 1.88 -5.14
N GLU A 179 -9.48 0.60 -5.03
CA GLU A 179 -8.89 -0.40 -5.88
C GLU A 179 -9.94 -1.41 -6.30
N LEU A 180 -10.04 -1.62 -7.60
CA LEU A 180 -10.99 -2.56 -8.17
C LEU A 180 -10.21 -3.83 -8.47
N ILE A 181 -10.51 -4.89 -7.74
CA ILE A 181 -9.80 -6.15 -7.95
C ILE A 181 -10.67 -7.15 -8.67
N ALA A 182 -10.24 -7.56 -9.86
CA ALA A 182 -10.98 -8.55 -10.62
C ALA A 182 -10.32 -9.89 -10.32
N TYR A 183 -11.10 -10.95 -10.30
CA TYR A 183 -10.57 -12.28 -10.02
C TYR A 183 -10.84 -13.19 -11.19
N ARG A 184 -10.07 -14.27 -11.28
CA ARG A 184 -10.20 -15.24 -12.35
C ARG A 184 -11.08 -16.38 -11.87
N TYR A 185 -11.53 -17.23 -12.81
CA TYR A 185 -12.33 -18.39 -12.43
C TYR A 185 -11.35 -19.39 -11.85
N PRO A 186 -11.75 -20.12 -10.79
CA PRO A 186 -10.87 -21.11 -10.14
C PRO A 186 -10.07 -21.94 -11.14
N GLU A 187 -10.75 -22.42 -12.19
CA GLU A 187 -10.13 -23.25 -13.22
C GLU A 187 -8.84 -22.69 -13.83
N ARG A 188 -8.60 -21.39 -13.67
CA ARG A 188 -7.40 -20.79 -14.23
C ARG A 188 -6.33 -20.36 -13.24
N PHE A 189 -6.57 -20.61 -11.96
CA PHE A 189 -5.60 -20.25 -10.93
C PHE A 189 -4.28 -20.95 -11.24
N GLY A 190 -3.18 -20.21 -11.17
CA GLY A 190 -1.89 -20.80 -11.45
C GLY A 190 -1.44 -20.84 -12.92
N THR A 191 -2.38 -20.69 -13.86
CA THR A 191 -2.01 -20.70 -15.28
C THR A 191 -1.65 -19.27 -15.66
N GLU A 192 -1.29 -19.04 -16.91
CA GLU A 192 -0.90 -17.71 -17.34
C GLU A 192 -2.09 -16.83 -17.68
N ARG A 193 -2.06 -15.60 -17.14
CA ARG A 193 -3.12 -14.64 -17.36
C ARG A 193 -3.12 -14.17 -18.80
N GLU A 194 -4.32 -14.05 -19.36
CA GLU A 194 -4.48 -13.58 -20.73
C GLU A 194 -5.18 -12.24 -20.68
N TYR A 195 -4.60 -11.26 -21.36
CA TYR A 195 -5.17 -9.92 -21.39
C TYR A 195 -4.57 -9.15 -22.56
N ASP A 196 -5.25 -8.09 -22.97
CA ASP A 196 -4.80 -7.28 -24.09
C ASP A 196 -3.99 -6.09 -23.58
N GLU A 197 -2.66 -6.21 -23.59
CA GLU A 197 -1.80 -5.15 -23.10
C GLU A 197 -2.27 -3.77 -23.55
N GLU A 198 -2.53 -3.62 -24.84
CA GLU A 198 -2.96 -2.34 -25.38
C GLU A 198 -4.21 -1.74 -24.75
N SER A 199 -5.18 -2.58 -24.39
CA SER A 199 -6.42 -2.08 -23.78
C SER A 199 -6.16 -1.38 -22.45
N PHE A 200 -5.18 -1.85 -21.69
CA PHE A 200 -4.86 -1.20 -20.42
C PHE A 200 -4.22 0.15 -20.66
N PHE A 201 -3.36 0.22 -21.67
CA PHE A 201 -2.73 1.50 -21.98
C PHE A 201 -3.75 2.48 -22.51
N ASP A 202 -4.74 1.99 -23.25
CA ASP A 202 -5.76 2.89 -23.77
C ASP A 202 -6.61 3.38 -22.61
N MET A 203 -6.89 2.47 -21.68
CA MET A 203 -7.69 2.78 -20.50
C MET A 203 -7.05 3.88 -19.66
N ASP A 204 -5.75 3.76 -19.38
CA ASP A 204 -5.06 4.78 -18.60
C ASP A 204 -5.03 6.10 -19.36
N TYR A 205 -4.93 6.01 -20.68
CA TYR A 205 -4.89 7.20 -21.50
C TYR A 205 -6.20 7.98 -21.41
N GLU A 206 -7.31 7.28 -21.24
CA GLU A 206 -8.62 7.93 -21.13
C GLU A 206 -8.96 8.36 -19.71
N LEU A 207 -8.67 7.50 -18.73
CA LEU A 207 -9.01 7.79 -17.34
C LEU A 207 -8.00 8.53 -16.45
N TYR A 208 -6.70 8.31 -16.65
CA TYR A 208 -5.68 8.98 -15.86
C TYR A 208 -6.02 10.47 -15.73
N PRO A 209 -5.96 11.03 -14.50
CA PRO A 209 -5.59 10.37 -13.24
C PRO A 209 -6.76 9.84 -12.40
N GLN A 210 -7.98 9.83 -12.94
CA GLN A 210 -9.08 9.28 -12.15
C GLN A 210 -8.70 7.83 -11.78
N THR A 211 -7.83 7.23 -12.59
CA THR A 211 -7.27 5.90 -12.32
C THR A 211 -5.77 6.18 -12.45
N PHE A 212 -4.94 5.49 -11.68
CA PHE A 212 -3.51 5.78 -11.71
C PHE A 212 -2.63 4.59 -11.28
N ASP A 213 -1.36 4.66 -11.67
CA ASP A 213 -0.38 3.62 -11.36
C ASP A 213 -0.85 2.25 -11.78
N ASN A 214 -1.46 2.21 -12.96
CA ASN A 214 -1.96 0.96 -13.51
C ASN A 214 -1.04 0.46 -14.63
N VAL A 215 -0.38 1.40 -15.30
CA VAL A 215 0.57 1.09 -16.38
C VAL A 215 1.77 2.00 -16.23
N ASP A 216 2.87 1.63 -16.90
CA ASP A 216 4.10 2.41 -16.87
C ASP A 216 4.50 2.65 -18.31
N TRP A 217 4.30 3.87 -18.78
CA TRP A 217 4.62 4.22 -20.16
C TRP A 217 6.10 4.17 -20.46
N CYS A 218 6.91 4.92 -19.71
CA CYS A 218 8.34 4.94 -19.97
C CYS A 218 8.99 3.57 -19.94
N ASN A 219 8.57 2.69 -19.04
CA ASN A 219 9.17 1.37 -18.97
C ASN A 219 8.33 0.32 -19.69
N ASP A 220 7.25 0.78 -20.32
CA ASP A 220 6.36 -0.08 -21.09
C ASP A 220 5.90 -1.33 -20.33
N VAL A 221 5.26 -1.12 -19.19
CA VAL A 221 4.79 -2.23 -18.38
C VAL A 221 3.36 -2.01 -17.89
N VAL A 222 2.61 -3.10 -17.84
CA VAL A 222 1.24 -3.03 -17.32
C VAL A 222 1.40 -3.50 -15.88
N VAL A 223 1.50 -2.54 -14.97
CA VAL A 223 1.73 -2.81 -13.56
C VAL A 223 0.54 -3.30 -12.73
N CYS A 224 -0.69 -3.18 -13.24
CA CYS A 224 -1.82 -3.61 -12.43
C CYS A 224 -2.14 -5.09 -12.53
N ILE A 225 -1.29 -5.83 -13.24
CA ILE A 225 -1.49 -7.27 -13.40
C ILE A 225 -0.41 -8.03 -12.67
N PRO A 226 -0.80 -8.91 -11.73
CA PRO A 226 0.15 -9.72 -10.95
C PRO A 226 0.66 -10.94 -11.75
N ASN A 227 1.82 -11.46 -11.35
CA ASN A 227 2.38 -12.64 -12.03
C ASN A 227 2.63 -13.70 -10.96
N THR A 228 1.57 -14.00 -10.22
CA THR A 228 1.66 -15.01 -9.18
C THR A 228 0.45 -15.91 -9.27
N PRO A 229 0.53 -17.12 -8.68
CA PRO A 229 -0.54 -18.12 -8.67
C PRO A 229 -1.80 -17.71 -7.93
N CYS A 230 -1.83 -16.45 -7.48
CA CYS A 230 -2.99 -15.94 -6.75
C CYS A 230 -4.21 -15.86 -7.67
N PRO A 231 -5.42 -15.74 -7.09
CA PRO A 231 -6.67 -15.65 -7.85
C PRO A 231 -6.89 -14.30 -8.54
N VAL A 232 -6.10 -13.30 -8.16
CA VAL A 232 -6.24 -11.96 -8.74
C VAL A 232 -5.89 -11.91 -10.23
N LEU A 233 -6.78 -11.30 -11.00
CA LEU A 233 -6.57 -11.16 -12.44
C LEU A 233 -5.87 -9.84 -12.59
N TYR A 234 -6.53 -8.79 -12.09
CA TYR A 234 -5.97 -7.44 -12.13
C TYR A 234 -6.46 -6.58 -10.96
N GLY A 235 -5.72 -5.50 -10.66
CA GLY A 235 -6.10 -4.61 -9.58
C GLY A 235 -5.93 -3.16 -10.03
N ILE A 236 -7.02 -2.53 -10.45
CA ILE A 236 -6.94 -1.16 -10.90
C ILE A 236 -7.16 -0.19 -9.74
N ARG A 237 -6.31 0.84 -9.68
CA ARG A 237 -6.37 1.85 -8.64
C ARG A 237 -6.96 3.13 -9.17
N GLY A 238 -7.79 3.78 -8.37
CA GLY A 238 -8.41 5.02 -8.81
C GLY A 238 -8.96 5.87 -7.68
N GLU A 239 -9.59 6.98 -8.08
CA GLU A 239 -10.17 7.93 -7.16
C GLU A 239 -11.68 7.82 -7.00
N SER A 240 -12.31 6.89 -7.70
CA SER A 240 -13.76 6.75 -7.60
C SER A 240 -14.34 5.51 -8.23
N VAL A 241 -15.55 5.17 -7.79
CA VAL A 241 -16.26 4.01 -8.30
C VAL A 241 -16.55 4.24 -9.78
N GLU A 242 -16.99 5.45 -10.10
CA GLU A 242 -17.30 5.83 -11.47
C GLU A 242 -16.12 5.48 -12.40
N ALA A 243 -14.96 6.07 -12.14
CA ALA A 243 -13.76 5.82 -12.96
C ALA A 243 -13.40 4.34 -13.01
N LEU A 244 -13.41 3.67 -11.86
CA LEU A 244 -13.09 2.25 -11.82
C LEU A 244 -14.06 1.43 -12.67
N TYR A 245 -15.35 1.73 -12.56
CA TYR A 245 -16.33 0.99 -13.34
C TYR A 245 -16.09 1.21 -14.83
N LYS A 246 -15.75 2.44 -15.21
CA LYS A 246 -15.46 2.72 -16.60
C LYS A 246 -14.21 1.92 -17.02
N ALA A 247 -13.19 1.91 -16.17
CA ALA A 247 -11.97 1.18 -16.47
C ALA A 247 -12.28 -0.29 -16.72
N MET A 248 -12.98 -0.92 -15.80
CA MET A 248 -13.31 -2.31 -15.95
C MET A 248 -13.99 -2.64 -17.27
N GLU A 249 -14.73 -1.66 -17.79
CA GLU A 249 -15.46 -1.82 -19.04
C GLU A 249 -14.62 -1.60 -20.31
N SER A 250 -13.49 -0.93 -20.19
CA SER A 250 -12.66 -0.66 -21.35
C SER A 250 -11.56 -1.69 -21.52
N VAL A 251 -11.12 -2.24 -20.40
CA VAL A 251 -10.06 -3.25 -20.40
C VAL A 251 -10.51 -4.59 -21.00
N LYS A 252 -9.59 -5.30 -21.67
CA LYS A 252 -9.91 -6.59 -22.28
C LYS A 252 -9.04 -7.70 -21.70
N THR A 253 -9.68 -8.75 -21.20
CA THR A 253 -8.96 -9.88 -20.59
C THR A 253 -9.80 -11.14 -20.66
N GLU A 254 -9.26 -12.22 -20.09
CA GLU A 254 -9.99 -13.48 -20.02
C GLU A 254 -11.21 -13.15 -19.14
N PRO A 255 -12.29 -13.94 -19.25
CA PRO A 255 -13.49 -13.69 -18.44
C PRO A 255 -13.26 -13.50 -16.94
N VAL A 256 -13.78 -12.39 -16.41
CA VAL A 256 -13.67 -12.09 -14.98
C VAL A 256 -14.79 -12.78 -14.19
N ASP A 257 -14.40 -13.48 -13.15
CA ASP A 257 -15.36 -14.17 -12.30
C ASP A 257 -15.87 -13.16 -11.27
N ARG A 258 -15.17 -13.02 -10.14
CA ARG A 258 -15.61 -12.06 -9.13
C ARG A 258 -14.88 -10.73 -9.25
N ARG A 259 -15.45 -9.69 -8.64
CA ARG A 259 -14.84 -8.35 -8.65
C ARG A 259 -15.22 -7.63 -7.36
N MET A 260 -14.34 -6.76 -6.88
CA MET A 260 -14.60 -6.05 -5.64
C MET A 260 -13.86 -4.72 -5.58
N ILE A 261 -14.56 -3.64 -5.25
CA ILE A 261 -13.88 -2.35 -5.12
C ILE A 261 -13.53 -2.23 -3.63
N PHE A 262 -12.26 -2.00 -3.33
CA PHE A 262 -11.81 -1.86 -1.95
C PHE A 262 -11.42 -0.44 -1.60
N VAL A 263 -11.55 -0.11 -0.32
CA VAL A 263 -11.12 1.19 0.17
C VAL A 263 -9.77 0.78 0.77
N THR A 264 -8.71 1.48 0.37
CA THR A 264 -7.39 1.11 0.85
C THR A 264 -6.55 2.30 1.26
N ASN A 265 -5.50 2.03 2.04
CA ASN A 265 -4.59 3.07 2.46
C ASN A 265 -3.41 3.13 1.48
N HIS A 266 -3.61 2.52 0.31
CA HIS A 266 -2.62 2.53 -0.75
C HIS A 266 -2.45 3.95 -1.24
N ALA A 267 -1.23 4.29 -1.62
CA ALA A 267 -0.92 5.61 -2.16
C ALA A 267 -1.31 6.80 -1.28
N THR A 268 -1.27 6.63 0.05
CA THR A 268 -1.65 7.72 0.97
C THR A 268 -0.48 8.29 1.78
N ASP A 269 0.60 7.52 1.91
CA ASP A 269 1.78 7.93 2.66
C ASP A 269 1.54 7.79 4.17
N MET A 270 0.58 6.93 4.51
CA MET A 270 0.19 6.67 5.88
C MET A 270 1.30 6.07 6.75
N HIS A 271 2.32 5.48 6.12
CA HIS A 271 3.42 4.88 6.86
C HIS A 271 4.54 5.86 7.24
N LEU A 272 4.55 7.04 6.62
CA LEU A 272 5.62 8.00 6.90
C LEU A 272 5.53 8.77 8.20
N ILE A 273 6.67 8.84 8.88
CA ILE A 273 6.83 9.55 10.14
C ILE A 273 7.63 10.81 9.85
N GLY A 274 7.05 11.98 10.10
CA GLY A 274 7.78 13.22 9.88
C GLY A 274 8.93 13.27 10.88
N GLU A 275 9.99 14.01 10.55
CA GLU A 275 11.13 14.07 11.45
C GLU A 275 10.91 14.96 12.67
N GLU A 276 9.82 15.71 12.69
CA GLU A 276 9.52 16.58 13.81
C GLU A 276 8.83 15.77 14.90
N GLU A 277 8.61 14.49 14.62
CA GLU A 277 7.94 13.59 15.55
C GLU A 277 8.90 12.67 16.30
N VAL A 278 10.16 12.65 15.91
CA VAL A 278 11.10 11.76 16.58
C VAL A 278 12.41 12.42 16.99
N HIS A 279 13.08 11.79 17.95
CA HIS A 279 14.36 12.25 18.45
C HIS A 279 15.47 11.48 17.75
N ARG A 280 15.18 10.23 17.42
CA ARG A 280 16.16 9.41 16.72
C ARG A 280 15.43 8.62 15.62
N LEU A 281 16.18 8.18 14.63
CA LEU A 281 15.64 7.40 13.53
C LEU A 281 15.92 5.95 13.85
N GLU A 282 15.21 5.05 13.18
CA GLU A 282 15.44 3.63 13.39
C GLU A 282 14.95 2.79 12.22
N ASN A 283 15.54 1.61 12.10
CA ASN A 283 15.18 0.70 11.03
C ASN A 283 13.76 0.15 11.21
N TYR A 284 13.14 -0.24 10.11
CA TYR A 284 11.78 -0.77 10.13
C TYR A 284 10.74 0.30 10.35
N ARG A 285 11.10 1.53 10.02
CA ARG A 285 10.21 2.67 10.14
C ARG A 285 10.47 3.50 8.87
N SER A 286 9.49 4.29 8.44
CA SER A 286 9.67 5.08 7.24
C SER A 286 9.55 6.56 7.59
N TYR A 287 10.39 7.38 6.96
CA TYR A 287 10.41 8.80 7.26
C TYR A 287 10.38 9.80 6.09
N ARG A 288 10.21 11.06 6.48
CA ARG A 288 10.23 12.18 5.57
C ARG A 288 11.28 13.01 6.28
N LEU A 289 12.50 13.03 5.74
CA LEU A 289 13.62 13.74 6.34
C LEU A 289 14.14 14.80 5.41
N ARG A 290 14.65 15.88 5.99
CA ARG A 290 15.24 16.95 5.21
C ARG A 290 16.73 16.81 5.50
N GLY A 291 17.57 17.09 4.51
CA GLY A 291 18.99 16.98 4.71
C GLY A 291 19.78 17.69 3.63
N ARG A 292 21.10 17.65 3.77
CA ARG A 292 22.01 18.29 2.82
C ARG A 292 23.04 17.25 2.38
N VAL A 293 23.18 17.06 1.07
CA VAL A 293 24.13 16.08 0.53
C VAL A 293 25.56 16.31 1.02
N THR A 294 26.17 15.27 1.58
CA THR A 294 27.54 15.36 2.09
C THR A 294 28.44 14.43 1.31
N LEU A 295 27.84 13.41 0.73
CA LEU A 295 28.58 12.44 -0.05
C LEU A 295 27.79 12.28 -1.36
N GLU A 296 28.44 12.63 -2.46
CA GLU A 296 27.81 12.58 -3.77
C GLU A 296 27.48 11.18 -4.27
N PRO A 297 26.42 11.07 -5.08
CA PRO A 297 25.97 9.79 -5.65
C PRO A 297 27.12 8.95 -6.21
N TYR A 298 27.01 7.64 -6.02
CA TYR A 298 27.98 6.70 -6.55
C TYR A 298 27.21 5.41 -6.77
N ASP A 299 27.49 4.73 -7.86
CA ASP A 299 26.80 3.49 -8.17
C ASP A 299 27.46 2.29 -7.52
N ILE A 300 26.69 1.23 -7.33
CA ILE A 300 27.26 0.04 -6.75
C ILE A 300 26.87 -1.16 -7.58
N GLU A 301 27.51 -2.28 -7.30
CA GLU A 301 27.25 -3.53 -8.01
C GLU A 301 25.77 -3.84 -7.92
N GLY A 302 25.09 -3.87 -9.07
CA GLY A 302 23.67 -4.17 -9.06
C GLY A 302 22.80 -3.10 -9.69
N GLY A 303 23.37 -1.94 -9.98
CA GLY A 303 22.59 -0.88 -10.59
C GLY A 303 21.94 0.07 -9.59
N HIS A 304 22.46 0.11 -8.37
CA HIS A 304 21.88 0.98 -7.35
C HIS A 304 22.75 2.21 -7.20
N VAL A 305 22.15 3.29 -6.74
CA VAL A 305 22.87 4.54 -6.52
C VAL A 305 22.65 4.98 -5.06
N PHE A 306 23.74 5.24 -4.37
CA PHE A 306 23.68 5.67 -2.98
C PHE A 306 24.30 7.06 -2.79
N PHE A 307 24.04 7.67 -1.64
CA PHE A 307 24.59 8.97 -1.32
C PHE A 307 24.21 9.24 0.13
N GLU A 308 24.75 10.29 0.73
CA GLU A 308 24.41 10.58 2.11
C GLU A 308 24.00 12.04 2.31
N ILE A 309 23.16 12.27 3.31
CA ILE A 309 22.70 13.59 3.63
C ILE A 309 22.97 13.86 5.10
N ASP A 310 23.25 15.10 5.44
CA ASP A 310 23.47 15.49 6.83
C ASP A 310 22.11 15.96 7.33
N THR A 311 21.66 15.42 8.45
CA THR A 311 20.35 15.77 8.98
C THR A 311 20.38 16.13 10.48
N LYS A 312 19.24 16.56 11.01
CA LYS A 312 19.16 16.92 12.42
C LYS A 312 19.56 15.72 13.25
N PHE A 313 19.64 14.56 12.61
CA PHE A 313 19.99 13.30 13.26
C PHE A 313 21.40 12.83 12.94
N GLY A 314 22.13 13.59 12.15
CA GLY A 314 23.46 13.15 11.78
C GLY A 314 23.38 12.73 10.33
N SER A 315 24.44 12.10 9.80
CA SER A 315 24.39 11.71 8.40
C SER A 315 23.58 10.45 8.20
N VAL A 316 22.79 10.45 7.13
CA VAL A 316 21.92 9.35 6.77
C VAL A 316 22.18 8.94 5.33
N LYS A 317 22.28 7.63 5.08
CA LYS A 317 22.50 7.19 3.71
C LYS A 317 21.19 6.90 3.03
N CYS A 318 21.09 7.30 1.77
CA CYS A 318 19.90 7.10 0.97
C CYS A 318 20.23 6.25 -0.24
N ALA A 319 19.23 5.67 -0.87
CA ALA A 319 19.48 4.84 -2.03
C ALA A 319 18.37 4.85 -3.05
N ALA A 320 18.74 4.52 -4.28
CA ALA A 320 17.81 4.42 -5.40
C ALA A 320 18.23 3.10 -6.01
N PHE A 321 17.57 2.03 -5.60
CA PHE A 321 17.89 0.70 -6.09
C PHE A 321 17.50 0.55 -7.55
N GLU A 322 18.14 -0.42 -8.20
CA GLU A 322 17.92 -0.70 -9.62
C GLU A 322 16.46 -0.72 -10.13
N PRO A 323 15.52 -1.23 -9.34
CA PRO A 323 14.14 -1.25 -9.85
C PRO A 323 13.55 0.13 -10.10
N THR A 324 14.14 1.16 -9.49
CA THR A 324 13.62 2.50 -9.67
C THR A 324 13.88 3.05 -11.05
N LYS A 325 14.61 2.31 -11.85
CA LYS A 325 14.93 2.68 -13.24
C LYS A 325 15.41 4.10 -13.45
N GLN A 326 14.75 4.84 -14.34
CA GLN A 326 15.14 6.21 -14.68
C GLN A 326 15.29 7.14 -13.49
N PHE A 327 14.61 6.83 -12.39
CA PHE A 327 14.72 7.64 -11.19
C PHE A 327 16.18 7.81 -10.77
N ARG A 328 17.04 6.88 -11.17
CA ARG A 328 18.47 6.97 -10.84
C ARG A 328 19.14 8.11 -11.61
N ASN A 329 18.64 8.37 -12.81
CA ASN A 329 19.17 9.45 -13.63
C ASN A 329 19.07 10.74 -12.83
N VAL A 330 17.94 10.90 -12.14
CA VAL A 330 17.70 12.08 -11.31
C VAL A 330 18.71 12.12 -10.17
N ILE A 331 18.78 11.02 -9.42
CA ILE A 331 19.67 10.92 -8.28
C ILE A 331 21.14 11.17 -8.61
N ARG A 332 21.58 10.65 -9.75
CA ARG A 332 22.98 10.82 -10.16
C ARG A 332 23.36 12.29 -10.39
N LEU A 333 22.37 13.18 -10.40
CA LEU A 333 22.64 14.60 -10.62
C LEU A 333 22.84 15.39 -9.34
N LEU A 334 22.65 14.75 -8.19
CA LEU A 334 22.83 15.46 -6.93
C LEU A 334 24.31 15.82 -6.76
N ARG A 335 24.56 16.82 -5.92
CA ARG A 335 25.92 17.28 -5.68
C ARG A 335 26.03 17.71 -4.23
N LYS A 336 27.26 17.69 -3.72
CA LYS A 336 27.52 18.10 -2.35
C LYS A 336 26.88 19.46 -2.16
N GLY A 337 26.12 19.62 -1.08
CA GLY A 337 25.50 20.91 -0.83
C GLY A 337 24.03 21.01 -1.18
N ASP A 338 23.56 20.14 -2.08
CA ASP A 338 22.15 20.18 -2.44
C ASP A 338 21.32 19.90 -1.19
N VAL A 339 20.25 20.68 -1.00
CA VAL A 339 19.37 20.47 0.13
C VAL A 339 18.17 19.70 -0.39
N VAL A 340 17.76 18.65 0.32
CA VAL A 340 16.65 17.84 -0.13
C VAL A 340 15.74 17.34 0.98
N GLU A 341 14.67 16.69 0.58
CA GLU A 341 13.75 16.10 1.52
C GLU A 341 13.43 14.73 0.94
N VAL A 342 13.89 13.69 1.63
CA VAL A 342 13.69 12.34 1.17
C VAL A 342 12.50 11.67 1.83
N TYR A 343 11.90 10.71 1.12
CA TYR A 343 10.74 9.97 1.62
C TYR A 343 11.06 8.49 1.42
N GLY A 344 10.98 7.68 2.48
CA GLY A 344 11.28 6.26 2.32
C GLY A 344 11.43 5.40 3.56
N SER A 345 11.56 4.10 3.35
CA SER A 345 11.73 3.14 4.44
C SER A 345 13.18 3.02 4.87
N MET A 346 13.39 2.88 6.18
CA MET A 346 14.73 2.75 6.75
C MET A 346 15.05 1.26 6.95
N LYS A 347 16.10 0.79 6.30
CA LYS A 347 16.49 -0.60 6.41
C LYS A 347 18.01 -0.61 6.37
N LYS A 348 18.64 -1.24 7.34
CA LYS A 348 20.09 -1.28 7.37
C LYS A 348 20.63 0.14 7.33
N ASP A 349 19.99 1.02 8.09
CA ASP A 349 20.39 2.41 8.20
C ASP A 349 20.41 3.14 6.86
N THR A 350 19.57 2.69 5.92
CA THR A 350 19.52 3.30 4.60
C THR A 350 18.10 3.61 4.15
N ILE A 351 17.86 4.86 3.78
CA ILE A 351 16.55 5.30 3.30
C ILE A 351 16.31 4.77 1.88
N ASN A 352 15.28 3.96 1.72
CA ASN A 352 14.96 3.41 0.41
C ASN A 352 13.99 4.37 -0.26
N LEU A 353 14.54 5.28 -1.07
CA LEU A 353 13.76 6.31 -1.75
C LEU A 353 12.51 5.90 -2.50
N GLU A 354 11.41 6.58 -2.17
CA GLU A 354 10.14 6.35 -2.84
C GLU A 354 9.96 7.62 -3.70
N LYS A 355 10.42 8.74 -3.16
CA LYS A 355 10.37 10.03 -3.85
C LYS A 355 11.28 11.02 -3.12
N ILE A 356 11.68 12.06 -3.82
CA ILE A 356 12.57 13.06 -3.25
C ILE A 356 12.24 14.45 -3.77
N GLN A 357 12.58 15.47 -3.00
CA GLN A 357 12.35 16.82 -3.43
C GLN A 357 13.65 17.60 -3.34
N ILE A 358 14.08 18.16 -4.45
CA ILE A 358 15.29 18.96 -4.47
C ILE A 358 14.82 20.36 -4.07
N VAL A 359 15.06 20.72 -2.81
CA VAL A 359 14.64 22.02 -2.28
C VAL A 359 15.56 23.16 -2.70
N GLU A 360 16.85 22.91 -2.68
CA GLU A 360 17.85 23.93 -3.06
C GLU A 360 19.04 23.26 -3.73
N LEU A 361 19.53 23.86 -4.80
CA LEU A 361 20.69 23.33 -5.50
C LEU A 361 21.92 23.98 -4.88
N ALA A 362 23.00 23.21 -4.73
CA ALA A 362 24.22 23.73 -4.14
C ALA A 362 24.52 25.15 -4.60
N GLU A 363 24.64 26.06 -3.63
CA GLU A 363 24.92 27.47 -3.88
C GLU A 363 26.35 27.67 -4.42
N GLY A 364 26.48 27.59 -5.73
CA GLY A 364 27.78 27.76 -6.37
C GLY A 364 27.84 26.98 -7.67
N SER A 365 26.77 27.06 -8.47
CA SER A 365 26.71 26.35 -9.74
C SER A 365 25.89 27.13 -10.78
N GLU A 368 25.44 26.07 -15.14
CA GLU A 368 24.08 25.59 -15.15
C GLU A 368 23.98 24.07 -15.07
N ARG A 369 23.50 23.56 -13.93
CA ARG A 369 23.34 22.13 -13.72
C ARG A 369 22.04 21.62 -14.35
N GLU A 370 21.95 20.31 -14.54
CA GLU A 370 20.75 19.71 -15.13
C GLU A 370 19.64 19.58 -14.12
N LEU A 371 20.00 19.32 -12.87
CA LEU A 371 19.02 19.14 -11.81
C LEU A 371 18.14 20.38 -11.66
N GLN A 372 16.83 20.15 -11.70
CA GLN A 372 15.87 21.24 -11.55
C GLN A 372 15.24 21.04 -10.19
N PRO A 373 14.99 22.12 -9.45
CA PRO A 373 14.37 21.93 -8.14
C PRO A 373 12.98 21.33 -8.34
N GLY A 374 12.43 20.72 -7.29
CA GLY A 374 11.11 20.15 -7.41
C GLY A 374 11.08 18.67 -7.04
N PHE A 375 9.89 18.09 -7.18
CA PHE A 375 9.67 16.68 -6.85
C PHE A 375 9.98 15.64 -7.90
N TYR A 376 10.51 14.51 -7.45
CA TYR A 376 10.79 13.40 -8.35
C TYR A 376 10.33 12.14 -7.63
N GLU A 377 9.95 11.11 -8.38
CA GLU A 377 9.48 9.89 -7.75
C GLU A 377 9.81 8.68 -8.62
N VAL A 378 9.83 7.49 -8.02
CA VAL A 378 10.12 6.27 -8.76
C VAL A 378 9.03 6.04 -9.81
N PRO A 379 9.36 5.37 -10.93
CA PRO A 379 8.35 5.14 -11.96
C PRO A 379 7.22 4.23 -11.45
N PRO A 380 6.07 4.23 -12.12
CA PRO A 380 4.95 3.39 -11.67
C PRO A 380 5.30 1.92 -11.34
N SER A 381 6.12 1.29 -12.19
CA SER A 381 6.49 -0.12 -11.94
C SER A 381 7.37 -0.38 -10.70
N ALA A 382 7.89 0.67 -10.08
CA ALA A 382 8.72 0.52 -8.88
C ALA A 382 7.98 1.06 -7.64
N ARG A 383 6.73 1.47 -7.84
CA ARG A 383 5.91 2.01 -6.77
C ARG A 383 5.47 1.05 -5.68
N ARG A 384 5.72 1.44 -4.44
CA ARG A 384 5.33 0.63 -3.30
C ARG A 384 3.89 1.00 -2.91
N HIS A 385 3.14 0.00 -2.46
CA HIS A 385 1.74 0.17 -2.08
C HIS A 385 1.32 1.42 -1.31
N LEU A 386 2.08 1.79 -0.29
CA LEU A 386 1.73 2.95 0.53
C LEU A 386 2.25 4.28 0.07
N SER A 387 3.14 4.30 -0.91
CA SER A 387 3.69 5.55 -1.38
C SER A 387 2.69 6.42 -2.15
N LYS A 388 2.50 7.65 -1.67
CA LYS A 388 1.61 8.57 -2.32
C LYS A 388 2.30 9.08 -3.60
N PRO A 389 1.65 8.90 -4.76
CA PRO A 389 2.23 9.35 -6.02
C PRO A 389 2.06 10.85 -6.21
N LEU A 390 3.03 11.48 -6.85
CA LEU A 390 2.96 12.93 -7.08
C LEU A 390 1.66 13.40 -7.75
N ILE A 391 1.03 12.53 -8.54
CA ILE A 391 -0.21 12.93 -9.22
C ILE A 391 -1.35 13.18 -8.20
N ARG A 392 -1.16 12.72 -6.95
CA ARG A 392 -2.18 12.91 -5.91
C ARG A 392 -1.78 14.00 -4.91
N MET A 393 -0.70 14.70 -5.20
CA MET A 393 -0.23 15.73 -4.29
C MET A 393 -0.36 17.09 -4.93
N ASN A 394 -1.07 17.99 -4.26
CA ASN A 394 -1.26 19.33 -4.79
C ASN A 394 -0.09 20.22 -4.38
N VAL A 395 1.07 19.96 -4.97
CA VAL A 395 2.29 20.74 -4.70
C VAL A 395 2.94 21.19 -6.02
N GLU A 396 3.87 22.12 -5.92
CA GLU A 396 4.52 22.64 -7.12
C GLU A 396 5.82 21.94 -7.47
N GLY A 397 6.25 22.11 -8.72
CA GLY A 397 7.49 21.51 -9.17
C GLY A 397 7.46 20.01 -9.23
N ARG A 398 6.31 19.45 -9.55
CA ARG A 398 6.18 18.00 -9.64
C ARG A 398 6.68 17.48 -10.97
N HIS A 399 7.66 16.59 -10.96
CA HIS A 399 8.13 16.01 -12.20
C HIS A 399 7.51 14.62 -12.24
N ILE A 400 6.47 14.46 -13.04
CA ILE A 400 5.79 13.18 -13.11
C ILE A 400 6.16 12.29 -14.30
N PHE A 401 6.58 11.07 -13.98
CA PHE A 401 6.97 10.07 -14.96
C PHE A 401 5.79 9.13 -15.12
N ARG A 402 5.16 9.15 -16.29
CA ARG A 402 4.02 8.28 -16.54
C ARG A 402 4.36 6.88 -17.04
N AG2 B . 4.75 -2.95 -8.52
CA AG2 B . 4.66 -1.52 -8.18
CB AG2 B . 3.41 -0.92 -8.82
CG AG2 B . 2.14 -1.63 -8.34
CD AG2 B . 0.90 -1.02 -9.00
NE AG2 B . -0.29 -1.76 -8.55
CZ AG2 B . -1.47 -1.54 -9.13
NH1 AG2 B . -1.58 -0.65 -10.12
NH2 AG2 B . -2.55 -2.21 -8.73
#